data_7UYR
#
_entry.id   7UYR
#
_cell.length_a   36.187
_cell.length_b   74.240
_cell.length_c   106.900
_cell.angle_alpha   90.000
_cell.angle_beta   90.000
_cell.angle_gamma   90.000
#
_symmetry.space_group_name_H-M   'P 21 21 21'
#
loop_
_entity.id
_entity.type
_entity.pdbx_description
1 polymer 'Non-receptor tyrosine-protein kinase TYK2'
2 non-polymer 2-(4-{[2-(2,6-difluorophenyl)-5-oxo-5H-pyrrolo[3,4-d]pyrimidin-4-yl]amino}phenyl)-N-ethylacetamide
3 water water
#
_entity_poly.entity_id   1
_entity_poly.type   'polypeptide(L)'
_entity_poly.pdbx_seq_one_letter_code
;PTVFHKRYLKKIRDLGEGHFGKVSLYCYDPTNDGTGEMVAVKALKADCGPQHRSGWKQEIDILRTLYHEHIIKYKGCCED
QGEKSLQLVMEYVPLGSLRDYLPRHSIGLAQLLLFAQQICEGMAYLHAQHYIHRDLAARNVLLDNDRLVKIGDFGLAKAV
PEGHE(PTR)(PTR)RVREDGDSPVFWYAPECLKEYKFYYASDVWSFGVTLYELLTHCDSSQSPPTKFLELIGIAQGQMT
VLRLTELLERGERLPRPDKCPCEVYHLMKNCWETEASFRPTFENLIPILKTVHEKYQ
;
_entity_poly.pdbx_strand_id   A
#
loop_
_chem_comp.id
_chem_comp.type
_chem_comp.name
_chem_comp.formula
OVI non-polymer 2-(4-{[2-(2,6-difluorophenyl)-5-oxo-5H-pyrrolo[3,4-d]pyrimidin-4-yl]amino}phenyl)-N-ethylacetamide 'C22 H17 F2 N5 O2'
#
# COMPACT_ATOMS: atom_id res chain seq x y z
N THR A 2 -13.71 -20.43 1.07
CA THR A 2 -13.58 -21.29 -0.15
C THR A 2 -12.17 -21.89 -0.19
N VAL A 3 -12.06 -23.18 -0.56
CA VAL A 3 -10.77 -23.93 -0.66
C VAL A 3 -10.50 -24.19 -2.13
N PHE A 4 -9.37 -23.71 -2.64
CA PHE A 4 -8.86 -24.03 -3.98
C PHE A 4 -8.07 -25.35 -3.89
N HIS A 5 -8.20 -26.22 -4.88
CA HIS A 5 -7.43 -27.50 -4.95
C HIS A 5 -6.13 -27.24 -5.70
N LYS A 6 -5.01 -27.54 -5.05
CA LYS A 6 -3.64 -27.35 -5.59
C LYS A 6 -3.59 -27.97 -6.99
N ARG A 7 -4.27 -29.09 -7.21
CA ARG A 7 -4.13 -29.93 -8.44
C ARG A 7 -4.77 -29.20 -9.64
N TYR A 8 -5.58 -28.14 -9.44
CA TYR A 8 -6.17 -27.36 -10.56
C TYR A 8 -5.53 -25.97 -10.71
N LEU A 9 -4.49 -25.62 -9.92
CA LEU A 9 -3.74 -24.34 -10.03
C LEU A 9 -2.64 -24.50 -11.09
N LYS A 10 -2.71 -23.73 -12.18
CA LYS A 10 -1.67 -23.73 -13.24
C LYS A 10 -1.00 -22.35 -13.25
N LYS A 11 0.30 -22.31 -12.93
CA LYS A 11 1.03 -21.04 -12.80
C LYS A 11 1.21 -20.49 -14.21
N ILE A 12 1.09 -19.18 -14.38
CA ILE A 12 1.32 -18.48 -15.67
C ILE A 12 2.65 -17.71 -15.56
N ARG A 13 2.73 -16.79 -14.59
CA ARG A 13 3.92 -15.93 -14.36
C ARG A 13 3.96 -15.50 -12.89
N ASP A 14 5.15 -15.20 -12.40
CA ASP A 14 5.35 -14.43 -11.15
C ASP A 14 4.81 -13.02 -11.41
N LEU A 15 4.26 -12.39 -10.37
CA LEU A 15 3.74 -10.99 -10.39
C LEU A 15 4.58 -10.08 -9.49
N GLY A 16 5.03 -10.55 -8.32
CA GLY A 16 5.96 -9.74 -7.50
C GLY A 16 6.31 -10.36 -6.15
N GLU A 17 6.95 -9.53 -5.32
CA GLU A 17 7.34 -9.78 -3.92
C GLU A 17 6.57 -8.83 -3.00
N GLY A 18 5.69 -9.37 -2.16
CA GLY A 18 5.10 -8.67 -0.99
C GLY A 18 5.98 -8.89 0.22
N HIS A 19 5.46 -8.63 1.44
CA HIS A 19 6.25 -8.57 2.69
C HIS A 19 6.67 -9.98 3.13
N PHE A 20 5.71 -10.92 3.14
CA PHE A 20 5.97 -12.37 3.28
C PHE A 20 5.71 -13.03 1.93
N GLY A 21 6.73 -13.03 1.05
CA GLY A 21 6.88 -13.95 -0.09
C GLY A 21 6.28 -13.42 -1.40
N LYS A 22 5.98 -14.36 -2.31
CA LYS A 22 5.82 -14.09 -3.76
C LYS A 22 4.32 -13.99 -4.07
N VAL A 23 3.99 -13.14 -5.02
CA VAL A 23 2.65 -13.12 -5.67
C VAL A 23 2.85 -13.61 -7.08
N SER A 24 2.09 -14.65 -7.46
CA SER A 24 2.11 -15.31 -8.78
C SER A 24 0.71 -15.29 -9.41
N LEU A 25 0.65 -15.24 -10.74
CA LEU A 25 -0.61 -15.34 -11.48
C LEU A 25 -0.84 -16.82 -11.81
N TYR A 26 -1.99 -17.37 -11.44
CA TYR A 26 -2.36 -18.75 -11.77
C TYR A 26 -3.68 -18.74 -12.55
N CYS A 27 -3.85 -19.72 -13.44
CA CYS A 27 -5.18 -20.14 -13.94
C CYS A 27 -5.66 -21.28 -13.05
N TYR A 28 -6.85 -21.10 -12.48
CA TYR A 28 -7.62 -22.14 -11.74
C TYR A 28 -8.68 -22.70 -12.69
N ASP A 29 -8.40 -23.88 -13.25
CA ASP A 29 -9.13 -24.48 -14.39
C ASP A 29 -9.44 -25.93 -14.04
N PRO A 30 -10.42 -26.19 -13.13
CA PRO A 30 -10.79 -27.56 -12.81
C PRO A 30 -11.37 -28.34 -14.01
N THR A 31 -11.94 -27.65 -15.00
CA THR A 31 -12.59 -28.28 -16.19
C THR A 31 -11.51 -28.78 -17.17
N ASN A 32 -10.35 -28.13 -17.23
CA ASN A 32 -9.18 -28.53 -18.07
C ASN A 32 -9.34 -28.02 -19.51
N ASP A 33 -10.24 -27.05 -19.75
CA ASP A 33 -10.54 -26.51 -21.11
C ASP A 33 -9.72 -25.23 -21.36
N GLY A 34 -9.55 -24.40 -20.32
CA GLY A 34 -8.73 -23.19 -20.35
C GLY A 34 -9.51 -21.94 -19.99
N THR A 35 -10.85 -22.04 -19.90
CA THR A 35 -11.80 -20.93 -19.59
C THR A 35 -11.93 -20.72 -18.08
N GLY A 36 -10.99 -21.23 -17.27
CA GLY A 36 -11.01 -21.10 -15.80
C GLY A 36 -10.52 -19.74 -15.35
N GLU A 37 -10.74 -19.40 -14.09
CA GLU A 37 -10.49 -18.04 -13.54
C GLU A 37 -8.98 -17.78 -13.43
N MET A 38 -8.56 -16.55 -13.73
CA MET A 38 -7.21 -16.02 -13.44
C MET A 38 -7.20 -15.60 -11.97
N VAL A 39 -6.24 -16.06 -11.17
CA VAL A 39 -6.15 -15.69 -9.73
C VAL A 39 -4.71 -15.30 -9.35
N ALA A 40 -4.59 -14.31 -8.49
CA ALA A 40 -3.33 -13.86 -7.84
C ALA A 40 -3.18 -14.67 -6.55
N VAL A 41 -2.08 -15.39 -6.41
CA VAL A 41 -1.78 -16.26 -5.25
C VAL A 41 -0.52 -15.75 -4.53
N LYS A 42 -0.68 -15.39 -3.26
N LYS A 42 -0.68 -15.35 -3.27
CA LYS A 42 0.39 -14.92 -2.34
CA LYS A 42 0.44 -14.92 -2.39
C LYS A 42 0.82 -16.11 -1.49
C LYS A 42 0.82 -16.09 -1.50
N ALA A 43 2.12 -16.41 -1.44
CA ALA A 43 2.67 -17.57 -0.71
C ALA A 43 3.75 -17.12 0.24
N LEU A 44 3.88 -17.83 1.36
CA LEU A 44 5.04 -17.72 2.28
C LEU A 44 6.28 -18.26 1.55
N LYS A 45 7.38 -17.50 1.56
CA LYS A 45 8.74 -17.96 1.16
C LYS A 45 9.02 -19.29 1.88
N ALA A 46 9.58 -20.27 1.16
CA ALA A 46 9.79 -21.68 1.61
C ALA A 46 10.56 -21.75 2.93
N ASP A 47 11.76 -21.14 3.00
CA ASP A 47 12.74 -21.31 4.12
C ASP A 47 12.51 -20.24 5.21
N CYS A 48 11.34 -19.58 5.22
CA CYS A 48 10.96 -18.49 6.14
C CYS A 48 10.97 -18.97 7.59
N GLY A 49 11.58 -18.18 8.49
CA GLY A 49 11.68 -18.46 9.95
C GLY A 49 10.39 -18.09 10.68
N PRO A 50 10.29 -18.39 12.00
CA PRO A 50 9.02 -18.31 12.72
C PRO A 50 8.45 -16.90 12.97
N GLN A 51 9.26 -15.84 12.85
CA GLN A 51 8.82 -14.42 12.94
C GLN A 51 8.04 -14.05 11.67
N HIS A 52 8.46 -14.57 10.50
CA HIS A 52 7.76 -14.41 9.20
C HIS A 52 6.43 -15.18 9.19
N ARG A 53 6.45 -16.43 9.67
CA ARG A 53 5.32 -17.40 9.65
C ARG A 53 4.15 -16.88 10.48
N SER A 54 4.42 -16.34 11.68
CA SER A 54 3.38 -15.73 12.56
C SER A 54 2.85 -14.47 11.87
N GLY A 55 3.74 -13.65 11.32
CA GLY A 55 3.40 -12.53 10.42
C GLY A 55 2.48 -12.95 9.30
N TRP A 56 2.81 -14.04 8.60
CA TRP A 56 2.01 -14.58 7.46
C TRP A 56 0.62 -15.02 7.96
N LYS A 57 0.55 -15.77 9.06
CA LYS A 57 -0.74 -16.15 9.67
C LYS A 57 -1.55 -14.88 9.95
N GLN A 58 -0.89 -13.78 10.31
CA GLN A 58 -1.52 -12.46 10.64
C GLN A 58 -2.16 -11.87 9.39
N GLU A 59 -1.39 -11.75 8.31
CA GLU A 59 -1.86 -11.26 6.99
C GLU A 59 -3.08 -12.07 6.52
N ILE A 60 -3.03 -13.40 6.66
CA ILE A 60 -4.16 -14.30 6.30
C ILE A 60 -5.40 -13.86 7.10
N ASP A 61 -5.24 -13.65 8.41
CA ASP A 61 -6.39 -13.38 9.33
C ASP A 61 -7.05 -12.07 8.92
N ILE A 62 -6.25 -11.06 8.56
CA ILE A 62 -6.73 -9.67 8.29
C ILE A 62 -7.53 -9.63 7.00
N LEU A 63 -6.95 -10.09 5.88
CA LEU A 63 -7.61 -10.10 4.54
C LEU A 63 -8.93 -10.89 4.57
N ARG A 64 -9.05 -11.96 5.38
CA ARG A 64 -10.25 -12.82 5.47
C ARG A 64 -11.42 -12.04 6.09
N THR A 65 -11.13 -11.04 6.91
CA THR A 65 -12.15 -10.20 7.59
C THR A 65 -12.52 -8.98 6.73
N LEU A 66 -11.65 -8.51 5.83
CA LEU A 66 -11.85 -7.18 5.20
C LEU A 66 -12.65 -7.31 3.90
N TYR A 67 -13.70 -6.50 3.78
CA TYR A 67 -14.62 -6.49 2.62
C TYR A 67 -14.99 -5.05 2.32
N HIS A 68 -14.55 -4.55 1.17
CA HIS A 68 -14.75 -3.13 0.77
C HIS A 68 -14.44 -2.99 -0.71
N GLU A 69 -15.10 -2.07 -1.40
CA GLU A 69 -14.94 -1.95 -2.87
C GLU A 69 -13.54 -1.43 -3.22
N HIS A 70 -12.79 -0.88 -2.26
CA HIS A 70 -11.41 -0.35 -2.52
C HIS A 70 -10.35 -1.12 -1.71
N ILE A 71 -10.62 -2.38 -1.39
CA ILE A 71 -9.62 -3.35 -0.89
C ILE A 71 -9.68 -4.58 -1.79
N ILE A 72 -8.52 -5.13 -2.12
CA ILE A 72 -8.38 -6.32 -3.00
C ILE A 72 -9.26 -7.46 -2.44
N LYS A 73 -10.04 -8.12 -3.31
CA LYS A 73 -10.97 -9.22 -2.92
C LYS A 73 -10.15 -10.47 -2.61
N TYR A 74 -10.24 -10.94 -1.35
CA TYR A 74 -9.97 -12.33 -0.91
C TYR A 74 -10.89 -13.28 -1.66
N LYS A 75 -10.39 -14.39 -2.18
CA LYS A 75 -11.26 -15.42 -2.81
C LYS A 75 -11.27 -16.69 -1.96
N GLY A 76 -10.16 -16.94 -1.28
CA GLY A 76 -10.00 -18.21 -0.56
C GLY A 76 -8.55 -18.50 -0.25
N CYS A 77 -8.28 -19.71 0.21
N CYS A 77 -8.31 -19.72 0.23
CA CYS A 77 -6.94 -20.18 0.61
CA CYS A 77 -7.00 -20.26 0.68
C CYS A 77 -6.64 -21.50 -0.10
C CYS A 77 -6.64 -21.47 -0.18
N CYS A 78 -5.36 -21.82 -0.23
CA CYS A 78 -4.89 -23.08 -0.84
C CYS A 78 -3.96 -23.79 0.14
N GLU A 79 -4.18 -25.09 0.38
CA GLU A 79 -3.28 -25.97 1.16
C GLU A 79 -1.96 -26.10 0.39
N ASP A 80 -0.90 -25.41 0.85
CA ASP A 80 0.48 -25.49 0.32
C ASP A 80 1.23 -26.52 1.16
N GLN A 81 1.21 -27.78 0.73
CA GLN A 81 1.95 -28.89 1.37
C GLN A 81 3.44 -28.50 1.46
N GLY A 82 3.97 -27.91 0.38
CA GLY A 82 5.40 -27.57 0.18
C GLY A 82 5.96 -26.70 1.29
N GLU A 83 5.23 -25.64 1.66
CA GLU A 83 5.63 -24.66 2.69
C GLU A 83 4.96 -24.96 4.04
N LYS A 84 4.23 -26.08 4.16
CA LYS A 84 3.41 -26.48 5.33
C LYS A 84 2.69 -25.25 5.90
N SER A 85 1.88 -24.60 5.06
CA SER A 85 1.06 -23.41 5.37
C SER A 85 0.01 -23.24 4.27
N LEU A 86 -0.66 -22.08 4.24
CA LEU A 86 -1.69 -21.74 3.25
C LEU A 86 -1.18 -20.69 2.27
N GLN A 87 -1.70 -20.74 1.05
CA GLN A 87 -1.52 -19.70 0.04
C GLN A 87 -2.83 -18.89 0.01
N LEU A 88 -2.68 -17.57 0.07
N LEU A 88 -2.69 -17.58 0.09
CA LEU A 88 -3.77 -16.57 -0.04
CA LEU A 88 -3.82 -16.62 -0.03
C LEU A 88 -4.17 -16.45 -1.52
C LEU A 88 -4.17 -16.47 -1.50
N VAL A 89 -5.44 -16.72 -1.87
CA VAL A 89 -5.97 -16.58 -3.26
C VAL A 89 -6.84 -15.32 -3.33
N MET A 90 -6.43 -14.37 -4.18
N MET A 90 -6.44 -14.38 -4.19
CA MET A 90 -7.04 -13.03 -4.35
CA MET A 90 -7.06 -13.05 -4.37
C MET A 90 -7.52 -12.91 -5.80
C MET A 90 -7.55 -12.94 -5.81
N GLU A 91 -8.33 -11.85 -6.07
CA GLU A 91 -8.71 -11.48 -7.46
C GLU A 91 -7.43 -11.06 -8.17
N TYR A 92 -7.36 -11.30 -9.47
CA TYR A 92 -6.24 -10.85 -10.34
C TYR A 92 -6.63 -9.50 -10.94
N VAL A 93 -5.70 -8.54 -10.91
CA VAL A 93 -5.87 -7.18 -11.50
C VAL A 93 -4.69 -6.97 -12.46
N PRO A 94 -4.89 -7.22 -13.77
CA PRO A 94 -3.79 -7.24 -14.74
C PRO A 94 -3.01 -5.92 -14.88
N LEU A 95 -3.66 -4.79 -14.58
CA LEU A 95 -3.03 -3.45 -14.67
C LEU A 95 -2.03 -3.24 -13.54
N GLY A 96 -2.06 -4.06 -12.50
CA GLY A 96 -1.12 -3.99 -11.34
C GLY A 96 -1.17 -2.65 -10.60
N SER A 97 -0.03 -2.23 -10.05
CA SER A 97 0.09 -1.11 -9.09
C SER A 97 0.16 0.22 -9.86
N LEU A 98 -0.18 1.30 -9.19
CA LEU A 98 0.03 2.66 -9.71
C LEU A 98 1.53 2.93 -9.92
N ARG A 99 2.43 2.28 -9.18
CA ARG A 99 3.90 2.40 -9.39
C ARG A 99 4.27 1.85 -10.78
N ASP A 100 3.63 0.76 -11.22
CA ASP A 100 3.87 0.11 -12.54
C ASP A 100 3.10 0.85 -13.65
N TYR A 101 1.90 1.32 -13.38
CA TYR A 101 0.95 1.86 -14.38
C TYR A 101 1.28 3.33 -14.75
N LEU A 102 1.45 4.20 -13.74
CA LEU A 102 1.44 5.66 -14.01
C LEU A 102 2.64 6.08 -14.86
N PRO A 103 3.85 5.48 -14.72
CA PRO A 103 4.96 5.81 -15.61
C PRO A 103 4.73 5.50 -17.09
N ARG A 104 3.75 4.66 -17.46
CA ARG A 104 3.50 4.27 -18.88
C ARG A 104 2.16 4.86 -19.36
N HIS A 105 1.35 5.45 -18.50
CA HIS A 105 0.02 5.99 -18.89
C HIS A 105 -0.12 7.43 -18.42
N SER A 106 -0.16 8.38 -19.36
CA SER A 106 -0.46 9.82 -19.09
C SER A 106 -1.86 9.95 -18.49
N ILE A 107 -1.99 9.98 -17.18
CA ILE A 107 -3.30 10.13 -16.47
C ILE A 107 -3.52 11.61 -16.14
N GLY A 108 -4.77 12.06 -16.23
CA GLY A 108 -5.17 13.44 -15.92
C GLY A 108 -5.33 13.65 -14.43
N LEU A 109 -5.23 14.92 -14.00
CA LEU A 109 -5.28 15.35 -12.56
C LEU A 109 -6.59 14.87 -11.93
N ALA A 110 -7.72 15.03 -12.62
CA ALA A 110 -9.05 14.64 -12.12
C ALA A 110 -9.03 13.16 -11.76
N GLN A 111 -8.51 12.30 -12.65
CA GLN A 111 -8.43 10.84 -12.45
C GLN A 111 -7.51 10.52 -11.26
N LEU A 112 -6.39 11.23 -11.10
CA LEU A 112 -5.46 10.98 -9.97
C LEU A 112 -6.16 11.33 -8.64
N LEU A 113 -6.98 12.39 -8.59
CA LEU A 113 -7.66 12.77 -7.34
C LEU A 113 -8.79 11.77 -7.04
N LEU A 114 -9.43 11.19 -8.06
CA LEU A 114 -10.41 10.09 -7.87
C LEU A 114 -9.71 8.92 -7.18
N PHE A 115 -8.50 8.53 -7.65
CA PHE A 115 -7.67 7.46 -7.03
C PHE A 115 -7.41 7.79 -5.55
N ALA A 116 -6.99 9.03 -5.30
CA ALA A 116 -6.68 9.58 -3.95
C ALA A 116 -7.92 9.40 -3.05
N GLN A 117 -9.06 9.88 -3.53
CA GLN A 117 -10.36 9.71 -2.85
C GLN A 117 -10.60 8.22 -2.54
N GLN A 118 -10.44 7.35 -3.53
CA GLN A 118 -10.80 5.92 -3.36
C GLN A 118 -9.85 5.28 -2.36
N ILE A 119 -8.59 5.72 -2.31
CA ILE A 119 -7.60 5.24 -1.30
C ILE A 119 -8.07 5.66 0.09
N CYS A 120 -8.52 6.90 0.26
CA CYS A 120 -9.01 7.39 1.58
C CYS A 120 -10.24 6.59 2.03
N GLU A 121 -11.16 6.26 1.13
CA GLU A 121 -12.39 5.50 1.46
C GLU A 121 -12.00 4.11 1.97
N GLY A 122 -11.05 3.45 1.31
CA GLY A 122 -10.57 2.11 1.71
C GLY A 122 -9.86 2.16 3.05
N MET A 123 -9.05 3.19 3.30
CA MET A 123 -8.29 3.35 4.57
C MET A 123 -9.24 3.70 5.71
N ALA A 124 -10.27 4.51 5.47
CA ALA A 124 -11.26 4.88 6.51
C ALA A 124 -11.93 3.58 6.96
N TYR A 125 -12.29 2.72 6.00
CA TYR A 125 -12.85 1.38 6.29
C TYR A 125 -11.83 0.66 7.15
N LEU A 126 -10.56 0.60 6.70
CA LEU A 126 -9.48 -0.14 7.42
C LEU A 126 -9.43 0.38 8.86
N HIS A 127 -9.42 1.70 9.01
CA HIS A 127 -9.30 2.35 10.34
C HIS A 127 -10.55 2.01 11.17
N ALA A 128 -11.74 1.98 10.58
CA ALA A 128 -13.01 1.66 11.30
C ALA A 128 -12.99 0.19 11.77
N GLN A 129 -12.31 -0.70 11.05
CA GLN A 129 -12.13 -2.12 11.49
C GLN A 129 -10.97 -2.22 12.48
N HIS A 130 -10.36 -1.09 12.87
CA HIS A 130 -9.30 -0.96 13.90
C HIS A 130 -8.04 -1.70 13.44
N TYR A 131 -7.64 -1.53 12.18
CA TYR A 131 -6.34 -1.97 11.63
C TYR A 131 -5.56 -0.74 11.15
N ILE A 132 -4.23 -0.84 11.21
CA ILE A 132 -3.29 0.11 10.56
C ILE A 132 -2.63 -0.66 9.43
N HIS A 133 -2.32 0.02 8.33
CA HIS A 133 -1.74 -0.61 7.11
C HIS A 133 -0.23 -0.72 7.29
N ARG A 134 0.42 0.41 7.59
CA ARG A 134 1.86 0.55 7.91
C ARG A 134 2.72 0.46 6.64
N ASP A 135 2.14 0.45 5.45
CA ASP A 135 2.93 0.48 4.19
C ASP A 135 2.07 1.06 3.08
N LEU A 136 1.34 2.14 3.39
CA LEU A 136 0.52 2.81 2.39
C LEU A 136 1.47 3.54 1.46
N ALA A 137 1.64 2.98 0.26
CA ALA A 137 2.50 3.48 -0.82
C ALA A 137 1.89 3.07 -2.15
N ALA A 138 2.29 3.75 -3.23
CA ALA A 138 1.79 3.52 -4.61
C ALA A 138 2.04 2.06 -5.04
N ARG A 139 3.12 1.40 -4.61
CA ARG A 139 3.39 -0.02 -4.94
C ARG A 139 2.24 -0.93 -4.45
N ASN A 140 1.49 -0.48 -3.44
CA ASN A 140 0.48 -1.32 -2.74
C ASN A 140 -0.93 -0.91 -3.15
N VAL A 141 -1.06 0.00 -4.13
CA VAL A 141 -2.36 0.46 -4.65
C VAL A 141 -2.48 -0.06 -6.08
N LEU A 142 -3.45 -0.97 -6.26
CA LEU A 142 -3.70 -1.73 -7.50
C LEU A 142 -4.88 -1.10 -8.25
N LEU A 143 -4.78 -1.14 -9.57
CA LEU A 143 -5.73 -0.54 -10.51
C LEU A 143 -6.58 -1.69 -11.06
N ASP A 144 -7.86 -1.71 -10.69
CA ASP A 144 -8.86 -2.66 -11.22
C ASP A 144 -9.21 -2.20 -12.65
N ASN A 145 -9.64 -0.94 -12.78
CA ASN A 145 -9.86 -0.24 -14.07
C ASN A 145 -9.56 1.25 -13.89
N ASP A 146 -9.46 1.98 -15.02
CA ASP A 146 -9.07 3.42 -15.15
C ASP A 146 -9.82 4.34 -14.15
N ARG A 147 -10.91 3.89 -13.51
CA ARG A 147 -11.65 4.70 -12.49
C ARG A 147 -11.72 3.99 -11.13
N LEU A 148 -10.95 2.91 -10.90
CA LEU A 148 -11.15 2.03 -9.71
C LEU A 148 -9.83 1.46 -9.18
N VAL A 149 -9.41 1.90 -7.99
CA VAL A 149 -8.22 1.34 -7.30
C VAL A 149 -8.64 0.48 -6.11
N LYS A 150 -7.74 -0.42 -5.72
CA LYS A 150 -7.88 -1.39 -4.61
C LYS A 150 -6.56 -1.46 -3.83
N ILE A 151 -6.60 -1.19 -2.54
CA ILE A 151 -5.46 -1.42 -1.61
C ILE A 151 -5.18 -2.92 -1.63
N GLY A 152 -3.93 -3.27 -1.90
CA GLY A 152 -3.57 -4.53 -2.54
C GLY A 152 -2.74 -5.44 -1.67
N ASP A 153 -2.03 -4.89 -0.68
CA ASP A 153 -1.08 -5.69 0.14
C ASP A 153 -1.22 -5.26 1.59
N PHE A 154 -1.29 -6.23 2.50
CA PHE A 154 -1.60 -6.07 3.95
C PHE A 154 -0.57 -6.84 4.78
N GLY A 155 0.67 -6.97 4.30
CA GLY A 155 1.74 -7.74 4.96
C GLY A 155 2.23 -7.09 6.25
N LEU A 156 2.16 -5.76 6.39
CA LEU A 156 2.62 -5.04 7.60
C LEU A 156 1.42 -4.64 8.45
N ALA A 157 0.18 -4.86 7.99
CA ALA A 157 -1.06 -4.40 8.67
C ALA A 157 -1.19 -5.05 10.04
N LYS A 158 -1.78 -4.34 11.00
CA LYS A 158 -1.87 -4.73 12.44
C LYS A 158 -3.19 -4.24 13.05
N ALA A 159 -3.79 -5.06 13.91
CA ALA A 159 -4.95 -4.72 14.76
C ALA A 159 -4.49 -3.74 15.86
N VAL A 160 -5.19 -2.62 16.00
CA VAL A 160 -4.96 -1.70 17.13
C VAL A 160 -5.89 -2.15 18.25
N PRO A 161 -5.38 -2.40 19.47
CA PRO A 161 -6.24 -2.69 20.62
C PRO A 161 -7.08 -1.46 20.98
N GLU A 165 -5.35 3.49 19.74
CA GLU A 165 -4.48 4.70 19.52
C GLU A 165 -3.33 4.37 18.56
N PTR A 166 -2.44 3.46 18.97
CA PTR A 166 -1.21 3.09 18.21
C PTR A 166 -0.73 1.70 18.62
O PTR A 166 -0.97 1.29 19.76
CB PTR A 166 -0.07 4.07 18.52
CG PTR A 166 0.50 3.95 19.90
CD1 PTR A 166 1.57 3.10 20.15
CD2 PTR A 166 -0.04 4.67 20.95
CE1 PTR A 166 2.10 2.99 21.43
CE2 PTR A 166 0.48 4.59 22.23
CZ PTR A 166 1.55 3.73 22.45
OH PTR A 166 2.10 3.61 23.73
P PTR A 166 1.24 3.47 25.08
O1P PTR A 166 0.96 4.85 25.68
O2P PTR A 166 -0.06 2.76 24.75
O3P PTR A 166 2.08 2.63 26.03
N PTR A 167 0.01 1.05 17.71
CA PTR A 167 0.75 -0.20 17.95
C PTR A 167 2.26 0.10 17.92
O PTR A 167 2.70 0.92 17.11
CB PTR A 167 0.38 -1.24 16.88
CG PTR A 167 1.05 -2.58 16.98
CD1 PTR A 167 0.71 -3.47 17.99
CD2 PTR A 167 2.00 -2.98 16.04
CE1 PTR A 167 1.31 -4.72 18.08
CE2 PTR A 167 2.60 -4.22 16.10
CZ PTR A 167 2.25 -5.08 17.13
OH PTR A 167 2.86 -6.35 17.19
P PTR A 167 2.09 -7.74 17.48
O1P PTR A 167 0.94 -7.89 16.50
O2P PTR A 167 3.08 -8.86 17.28
O3P PTR A 167 1.58 -7.72 18.91
N ARG A 168 3.00 -0.56 18.82
CA ARG A 168 4.47 -0.44 18.92
C ARG A 168 5.09 -1.33 17.84
N VAL A 169 5.68 -0.68 16.82
CA VAL A 169 6.52 -1.27 15.73
C VAL A 169 7.82 -1.85 16.35
N ARG A 170 8.44 -2.85 15.72
CA ARG A 170 9.63 -3.60 16.26
C ARG A 170 10.88 -2.70 16.22
N ASP A 174 13.91 -3.27 5.87
CA ASP A 174 12.54 -3.82 6.07
C ASP A 174 11.49 -2.69 5.98
N SER A 175 11.57 -1.70 6.87
CA SER A 175 10.55 -0.65 7.12
C SER A 175 10.55 0.37 5.99
N PRO A 176 9.37 0.80 5.50
CA PRO A 176 9.32 1.85 4.48
C PRO A 176 9.50 3.24 5.11
N VAL A 177 10.72 3.55 5.57
CA VAL A 177 11.00 4.77 6.38
C VAL A 177 10.68 6.03 5.57
N PHE A 178 10.81 5.98 4.24
CA PHE A 178 10.61 7.17 3.36
C PHE A 178 9.11 7.49 3.26
N TRP A 179 8.24 6.61 3.78
CA TRP A 179 6.77 6.83 3.86
C TRP A 179 6.32 7.06 5.33
N TYR A 180 7.23 7.13 6.30
CA TYR A 180 6.89 7.06 7.74
C TYR A 180 6.99 8.44 8.42
N ALA A 181 6.02 8.72 9.27
CA ALA A 181 5.91 9.92 10.13
C ALA A 181 7.08 9.94 11.14
N PRO A 182 7.47 11.14 11.59
CA PRO A 182 8.46 11.32 12.66
C PRO A 182 8.26 10.49 13.93
N GLU A 183 7.02 10.27 14.37
CA GLU A 183 6.76 9.49 15.61
C GLU A 183 7.10 8.02 15.34
N CYS A 184 6.94 7.52 14.11
CA CYS A 184 7.30 6.14 13.74
C CYS A 184 8.82 5.94 13.80
N LEU A 185 9.58 6.86 13.22
CA LEU A 185 11.05 6.79 13.08
C LEU A 185 11.69 6.89 14.47
N LYS A 186 11.25 7.87 15.27
CA LYS A 186 11.89 8.36 16.51
C LYS A 186 11.42 7.49 17.69
N GLU A 187 10.12 7.18 17.79
CA GLU A 187 9.52 6.48 18.96
C GLU A 187 8.98 5.09 18.58
N TYR A 188 9.02 4.66 17.32
CA TYR A 188 8.59 3.31 16.89
C TYR A 188 7.12 3.07 17.32
N LYS A 189 6.31 4.12 17.34
CA LYS A 189 4.86 4.06 17.68
C LYS A 189 4.10 4.38 16.38
N PHE A 190 3.22 3.49 15.94
CA PHE A 190 2.44 3.69 14.70
C PHE A 190 0.98 3.95 15.05
N TYR A 191 0.52 5.17 14.78
CA TYR A 191 -0.85 5.67 15.07
C TYR A 191 -1.70 5.64 13.80
N TYR A 192 -3.02 5.67 13.94
CA TYR A 192 -3.94 5.84 12.79
C TYR A 192 -3.42 7.02 11.96
N ALA A 193 -3.01 8.10 12.62
CA ALA A 193 -2.51 9.35 11.99
C ALA A 193 -1.19 9.10 11.24
N SER A 194 -0.42 8.09 11.61
CA SER A 194 0.82 7.70 10.88
C SER A 194 0.44 7.16 9.48
N ASP A 195 -0.70 6.48 9.31
CA ASP A 195 -1.16 6.03 7.97
C ASP A 195 -1.51 7.24 7.09
N VAL A 196 -1.95 8.35 7.68
CA VAL A 196 -2.34 9.56 6.90
C VAL A 196 -1.09 10.26 6.36
N TRP A 197 -0.02 10.32 7.16
CA TRP A 197 1.33 10.74 6.68
C TRP A 197 1.66 9.93 5.42
N SER A 198 1.56 8.60 5.52
CA SER A 198 1.92 7.68 4.42
C SER A 198 1.06 8.03 3.19
N PHE A 199 -0.24 8.30 3.40
CA PHE A 199 -1.19 8.71 2.34
C PHE A 199 -0.67 9.98 1.65
N GLY A 200 -0.25 10.96 2.45
CA GLY A 200 0.41 12.18 1.94
C GLY A 200 1.50 11.87 0.96
N VAL A 201 2.40 10.91 1.28
CA VAL A 201 3.55 10.54 0.41
C VAL A 201 2.99 9.79 -0.81
N THR A 202 1.98 8.94 -0.60
CA THR A 202 1.33 8.23 -1.73
C THR A 202 0.73 9.30 -2.67
N LEU A 203 0.11 10.33 -2.12
CA LEU A 203 -0.54 11.35 -2.99
C LEU A 203 0.55 12.08 -3.80
N TYR A 204 1.68 12.41 -3.16
CA TYR A 204 2.89 12.95 -3.84
C TYR A 204 3.30 12.02 -4.98
N GLU A 205 3.39 10.72 -4.70
CA GLU A 205 3.76 9.71 -5.72
C GLU A 205 2.82 9.80 -6.92
N LEU A 206 1.49 9.85 -6.70
CA LEU A 206 0.49 9.86 -7.82
C LEU A 206 0.71 11.09 -8.70
N LEU A 207 0.94 12.24 -8.07
CA LEU A 207 1.07 13.53 -8.78
C LEU A 207 2.41 13.64 -9.52
N THR A 208 3.37 12.74 -9.25
CA THR A 208 4.63 12.67 -10.03
C THR A 208 4.52 11.56 -11.07
N HIS A 209 3.39 10.86 -11.12
CA HIS A 209 3.15 9.70 -12.03
C HIS A 209 4.17 8.60 -11.71
N CYS A 210 4.45 8.40 -10.41
CA CYS A 210 5.47 7.50 -9.84
C CYS A 210 6.77 7.51 -10.66
N ASP A 211 7.22 8.69 -11.11
CA ASP A 211 8.54 8.86 -11.74
C ASP A 211 9.63 8.49 -10.71
N SER A 212 10.47 7.50 -11.00
CA SER A 212 11.62 7.04 -10.15
C SER A 212 12.46 8.21 -9.65
N SER A 213 12.85 9.11 -10.55
CA SER A 213 13.75 10.27 -10.28
C SER A 213 13.09 11.29 -9.32
N GLN A 214 11.76 11.28 -9.20
N GLN A 214 11.76 11.27 -9.19
CA GLN A 214 11.03 12.13 -8.23
CA GLN A 214 11.03 12.13 -8.23
C GLN A 214 10.56 11.31 -7.02
C GLN A 214 10.57 11.32 -7.01
N SER A 215 11.00 10.07 -6.86
CA SER A 215 10.50 9.19 -5.76
C SER A 215 11.01 9.68 -4.40
N PRO A 216 10.28 9.36 -3.32
CA PRO A 216 10.67 9.75 -1.96
C PRO A 216 12.05 9.26 -1.56
N PRO A 217 12.41 7.97 -1.74
CA PRO A 217 13.78 7.58 -1.46
C PRO A 217 14.75 8.53 -2.17
N THR A 218 14.56 8.78 -3.47
CA THR A 218 15.50 9.59 -4.28
C THR A 218 15.56 11.01 -3.71
N LYS A 219 14.39 11.62 -3.49
CA LYS A 219 14.28 13.04 -3.08
C LYS A 219 14.87 13.19 -1.67
N PHE A 220 14.48 12.32 -0.73
CA PHE A 220 15.03 12.36 0.64
C PHE A 220 16.54 12.11 0.63
N LEU A 221 17.09 11.14 -0.12
CA LEU A 221 18.56 10.91 -0.08
C LEU A 221 19.29 12.05 -0.80
N GLU A 222 18.63 12.82 -1.67
CA GLU A 222 19.18 14.06 -2.28
C GLU A 222 19.36 15.13 -1.17
N LEU A 223 18.45 15.18 -0.21
CA LEU A 223 18.49 16.19 0.89
C LEU A 223 19.53 15.78 1.93
N ILE A 224 19.64 14.47 2.17
CA ILE A 224 20.37 13.85 3.32
C ILE A 224 21.81 13.53 2.90
N GLY A 225 21.99 13.05 1.67
CA GLY A 225 23.27 12.53 1.16
C GLY A 225 23.48 11.09 1.59
N ILE A 226 24.58 10.45 1.17
CA ILE A 226 24.84 9.01 1.43
C ILE A 226 26.24 8.81 2.02
N ALA A 227 26.92 9.89 2.42
CA ALA A 227 28.31 9.87 2.95
C ALA A 227 28.34 9.24 4.36
N GLN A 228 27.19 9.18 5.03
CA GLN A 228 27.02 8.65 6.41
C GLN A 228 25.72 7.84 6.46
N GLY A 229 25.72 6.70 5.76
CA GLY A 229 24.56 5.79 5.58
C GLY A 229 24.01 5.27 6.90
N GLN A 230 24.86 5.12 7.91
CA GLN A 230 24.44 4.58 9.24
C GLN A 230 23.36 5.49 9.88
N MET A 231 23.40 6.82 9.59
CA MET A 231 22.48 7.80 10.25
C MET A 231 21.40 8.27 9.25
N THR A 232 20.96 7.39 8.36
CA THR A 232 19.94 7.75 7.33
C THR A 232 18.60 8.06 8.01
N VAL A 233 18.18 7.26 8.98
CA VAL A 233 16.91 7.50 9.72
C VAL A 233 17.03 8.75 10.63
N LEU A 234 18.17 8.92 11.32
CA LEU A 234 18.40 10.10 12.19
C LEU A 234 18.29 11.39 11.34
N ARG A 235 19.02 11.46 10.23
CA ARG A 235 19.08 12.69 9.41
C ARG A 235 17.68 12.97 8.83
N LEU A 236 16.98 11.91 8.41
CA LEU A 236 15.60 12.03 7.87
C LEU A 236 14.66 12.56 8.97
N THR A 237 14.76 12.01 10.18
CA THR A 237 14.02 12.46 11.39
C THR A 237 14.33 13.95 11.65
N GLU A 238 15.60 14.33 11.62
CA GLU A 238 15.99 15.73 11.92
C GLU A 238 15.45 16.67 10.84
N LEU A 239 15.48 16.22 9.58
CA LEU A 239 15.04 17.01 8.41
C LEU A 239 13.51 17.27 8.54
N LEU A 240 12.75 16.23 8.88
CA LEU A 240 11.29 16.33 9.02
C LEU A 240 10.93 17.25 10.19
N GLU A 241 11.63 17.11 11.32
CA GLU A 241 11.33 17.89 12.57
C GLU A 241 11.67 19.37 12.31
N ARG A 242 12.66 19.66 11.45
CA ARG A 242 12.98 21.04 10.97
C ARG A 242 11.86 21.56 10.07
N GLY A 243 10.93 20.69 9.64
CA GLY A 243 9.76 21.07 8.82
C GLY A 243 10.04 21.00 7.32
N GLU A 244 11.17 20.44 6.88
CA GLU A 244 11.42 20.20 5.45
C GLU A 244 10.54 19.06 4.92
N ARG A 245 10.11 19.17 3.68
CA ARG A 245 9.09 18.26 3.09
C ARG A 245 9.45 17.99 1.64
N LEU A 246 8.93 16.90 1.09
CA LEU A 246 8.98 16.61 -0.37
C LEU A 246 8.38 17.78 -1.12
N PRO A 247 8.95 18.18 -2.29
CA PRO A 247 8.50 19.36 -3.00
C PRO A 247 7.09 19.20 -3.61
N ARG A 248 6.51 20.31 -4.06
CA ARG A 248 5.26 20.33 -4.84
C ARG A 248 5.53 19.72 -6.21
N PRO A 249 4.87 18.59 -6.55
CA PRO A 249 5.01 18.05 -7.89
C PRO A 249 4.66 19.10 -8.95
N ASP A 250 5.35 19.00 -10.07
CA ASP A 250 5.06 19.75 -11.33
C ASP A 250 3.54 19.65 -11.62
N LYS A 251 2.88 20.78 -11.82
CA LYS A 251 1.46 20.88 -12.26
C LYS A 251 0.49 20.39 -11.17
N CYS A 252 0.96 20.12 -9.94
CA CYS A 252 0.11 19.87 -8.74
C CYS A 252 -0.52 21.19 -8.31
N PRO A 253 -1.87 21.31 -8.22
CA PRO A 253 -2.49 22.52 -7.70
C PRO A 253 -2.03 22.83 -6.25
N CYS A 254 -1.85 24.13 -5.98
CA CYS A 254 -1.38 24.69 -4.69
C CYS A 254 -2.17 24.10 -3.52
N GLU A 255 -3.49 24.00 -3.65
CA GLU A 255 -4.39 23.60 -2.54
C GLU A 255 -4.23 22.11 -2.29
N VAL A 256 -3.97 21.34 -3.35
CA VAL A 256 -3.70 19.88 -3.24
C VAL A 256 -2.37 19.72 -2.48
N TYR A 257 -1.39 20.58 -2.73
CA TYR A 257 -0.09 20.55 -1.99
C TYR A 257 -0.33 20.94 -0.52
N HIS A 258 -1.23 21.89 -0.24
CA HIS A 258 -1.62 22.28 1.14
C HIS A 258 -2.20 21.04 1.84
N LEU A 259 -3.02 20.29 1.11
CA LEU A 259 -3.61 19.03 1.64
C LEU A 259 -2.50 18.02 1.94
N MET A 260 -1.51 17.85 1.04
CA MET A 260 -0.33 17.00 1.32
C MET A 260 0.38 17.45 2.60
N LYS A 261 0.67 18.75 2.73
CA LYS A 261 1.44 19.28 3.90
C LYS A 261 0.62 19.04 5.16
N ASN A 262 -0.71 19.08 5.07
CA ASN A 262 -1.63 18.83 6.21
C ASN A 262 -1.50 17.36 6.63
N CYS A 263 -1.36 16.44 5.68
CA CYS A 263 -1.12 15.00 5.97
C CYS A 263 0.26 14.81 6.56
N TRP A 264 1.14 15.80 6.37
CA TRP A 264 2.54 15.73 6.84
C TRP A 264 2.76 16.69 8.01
N GLU A 265 1.73 16.99 8.80
CA GLU A 265 1.95 17.78 10.05
C GLU A 265 2.89 16.97 10.93
N THR A 266 3.92 17.59 11.50
CA THR A 266 4.82 16.94 12.49
C THR A 266 4.00 16.45 13.69
N GLU A 267 3.12 17.29 14.23
CA GLU A 267 2.14 16.88 15.28
C GLU A 267 1.08 15.99 14.65
N ALA A 268 1.04 14.71 15.04
CA ALA A 268 0.07 13.69 14.53
C ALA A 268 -1.36 14.23 14.71
N SER A 269 -1.66 14.86 15.84
CA SER A 269 -3.05 15.25 16.20
C SER A 269 -3.54 16.35 15.27
N PHE A 270 -2.66 17.06 14.57
CA PHE A 270 -3.04 18.14 13.63
C PHE A 270 -3.34 17.60 12.24
N ARG A 271 -3.04 16.31 11.95
CA ARG A 271 -3.34 15.68 10.64
C ARG A 271 -4.84 15.36 10.56
N PRO A 272 -5.48 15.46 9.38
CA PRO A 272 -6.87 15.07 9.23
C PRO A 272 -6.94 13.53 9.26
N THR A 273 -8.09 13.00 9.65
CA THR A 273 -8.39 11.55 9.54
C THR A 273 -8.76 11.26 8.08
N PHE A 274 -8.83 9.99 7.70
CA PHE A 274 -9.29 9.58 6.35
C PHE A 274 -10.75 10.00 6.21
N GLU A 275 -11.52 9.95 7.31
CA GLU A 275 -12.92 10.46 7.32
C GLU A 275 -12.94 11.93 6.89
N ASN A 276 -12.06 12.76 7.46
CA ASN A 276 -11.95 14.20 7.10
C ASN A 276 -11.66 14.32 5.58
N LEU A 277 -10.79 13.46 5.03
CA LEU A 277 -10.20 13.66 3.68
C LEU A 277 -11.19 13.30 2.57
N ILE A 278 -12.09 12.35 2.81
CA ILE A 278 -13.02 11.82 1.78
C ILE A 278 -13.87 12.96 1.21
N PRO A 279 -14.62 13.77 2.01
CA PRO A 279 -15.44 14.85 1.46
C PRO A 279 -14.56 15.92 0.79
N ILE A 280 -13.38 16.21 1.34
CA ILE A 280 -12.46 17.20 0.73
C ILE A 280 -12.04 16.66 -0.66
N LEU A 281 -11.64 15.39 -0.80
CA LEU A 281 -11.09 14.88 -2.08
C LEU A 281 -12.20 14.78 -3.14
N LYS A 282 -13.41 14.39 -2.75
CA LYS A 282 -14.61 14.45 -3.62
C LYS A 282 -14.75 15.83 -4.26
N THR A 283 -14.73 16.87 -3.43
CA THR A 283 -15.02 18.27 -3.85
C THR A 283 -13.91 18.73 -4.77
N VAL A 284 -12.68 18.35 -4.45
CA VAL A 284 -11.51 18.74 -5.28
C VAL A 284 -11.53 17.93 -6.59
N HIS A 285 -11.87 16.66 -6.54
CA HIS A 285 -12.07 15.83 -7.76
C HIS A 285 -13.08 16.48 -8.70
N GLU A 286 -14.25 16.87 -8.18
CA GLU A 286 -15.37 17.39 -9.01
C GLU A 286 -14.99 18.75 -9.62
N LYS A 287 -14.19 19.52 -8.90
CA LYS A 287 -13.64 20.81 -9.42
C LYS A 287 -12.84 20.54 -10.70
N TYR A 288 -11.99 19.52 -10.71
CA TYR A 288 -11.04 19.33 -11.84
C TYR A 288 -11.68 18.46 -12.93
N GLN A 289 -12.72 17.67 -12.63
CA GLN A 289 -13.25 16.68 -13.61
C GLN A 289 -14.17 17.37 -14.61
C1 OVI B . 5.95 -9.68 -14.43
C1 OVI B . 5.23 -9.81 -14.54
C2 OVI B . 4.45 -9.53 -14.67
C2 OVI B . 5.45 -8.30 -14.29
C4 OVI B . 3.26 -7.41 -14.41
C4 OVI B . 3.76 -6.50 -13.98
C6 OVI B . 2.91 -6.22 -13.51
C6 OVI B . 2.25 -6.33 -14.05
C7 OVI B . 2.00 -6.65 -12.56
C7 OVI B . 1.62 -6.68 -12.87
C8 OVI B . 0.64 -6.65 -12.83
C8 OVI B . 0.26 -6.90 -12.98
C11 OVI B . 1.53 -7.46 -10.33
C11 OVI B . 1.45 -7.26 -10.51
C12 OVI B . 2.43 -7.04 -11.30
C12 OVI B . 2.22 -6.87 -11.62
N13 OVI B . -0.82 -7.84 -9.73
N13 OVI B . -0.84 -7.84 -9.73
C16 OVI B . 0.28 -7.45 -6.22
C18 OVI B . -1.79 -8.46 -6.36
C19 OVI B . -2.92 -9.04 -5.94
C21 OVI B . -2.98 -8.97 -8.08
C23 OVI B . -1.80 -8.40 -7.71
C24 OVI B . 1.35 -6.97 -5.48
C27 OVI B . 2.29 -5.59 -3.76
C30 OVI B . 2.63 -7.45 -5.75
F26 OVI B . -0.04 -5.52 -4.17
C25 OVI B . 1.17 -6.04 -4.47
C28 OVI B . 3.56 -6.06 -4.05
C29 OVI B . 3.74 -6.99 -5.05
F31 OVI B . 2.80 -8.35 -6.70
N15 OVI B . 0.33 -7.37 -7.60
N17 OVI B . -0.77 -7.99 -5.62
N20 OVI B . -3.66 -9.35 -7.01
O22 OVI B . -3.41 -9.11 -9.23
C14 OVI B . -0.74 -7.86 -8.38
C10 OVI B . 0.16 -7.46 -10.58
C10 OVI B . 0.07 -7.46 -10.63
C9 OVI B . -0.26 -7.07 -11.86
C9 OVI B . -0.49 -7.27 -11.89
O5 OVI B . 2.80 -7.46 -15.55
O5 OVI B . 4.55 -5.57 -13.77
N3 OVI B . 4.06 -8.36 -13.90
N3 OVI B . 4.10 -7.78 -14.26
#